data_8XIF
#
_entry.id   8XIF
#
_cell.length_a   52.470
_cell.length_b   56.620
_cell.length_c   74.160
_cell.angle_alpha   90.00
_cell.angle_beta   90.00
_cell.angle_gamma   90.00
#
_symmetry.space_group_name_H-M   'P 21 21 21'
#
loop_
_entity.id
_entity.type
_entity.pdbx_description
1 polymer 'Uncoating factor OPG117'
2 non-polymer PYROPHOSPHATE
3 non-polymer 'MAGNESIUM ION'
4 water water
#
_entity_poly.entity_id   1
_entity_poly.type   'polypeptide(L)'
_entity_poly.pdbx_seq_one_letter_code
;MDAAIRGNDVIFVLKTIGVPSACRQNEDPRFVEAFKCDELERYIENNPECTLFESLRDEEAYSIVRIFMDVDLDACLDEI
DYLTAIQDFIIEVSNCVARFAFTECGAIHENVIKSMRSNFSLTKSTNRDKTSFHIIFLDTYTTMDTLIAMKRTLLELSRS
SENPLTRSIDTAVYRRKTTLRVVGTRKNPNCDTIHVMQPPHDNIEDYLFTYVDMNNNSYYFSLQ
;
_entity_poly.pdbx_strand_id   A
#
loop_
_chem_comp.id
_chem_comp.type
_chem_comp.name
_chem_comp.formula
MG non-polymer 'MAGNESIUM ION' 'Mg 2'
PPV non-polymer PYROPHOSPHATE 'H4 O7 P2'
#
# COMPACT_ATOMS: atom_id res chain seq x y z
N ASP A 2 15.43 9.94 12.90
CA ASP A 2 16.84 9.72 12.57
C ASP A 2 17.35 10.63 11.45
N ALA A 3 18.52 11.22 11.67
CA ALA A 3 19.12 12.14 10.69
C ALA A 3 19.29 11.49 9.32
N ALA A 4 19.45 10.17 9.26
CA ALA A 4 19.73 9.56 7.97
C ALA A 4 18.47 9.25 7.20
N ILE A 5 17.30 9.62 7.72
CA ILE A 5 16.02 9.29 7.12
C ILE A 5 15.32 10.60 6.82
N ARG A 6 15.11 10.91 5.55
CA ARG A 6 14.26 12.03 5.18
C ARG A 6 12.89 11.51 4.74
N GLY A 7 11.92 12.43 4.70
CA GLY A 7 10.57 12.12 4.34
C GLY A 7 10.28 12.38 2.87
N ASN A 8 9.02 12.21 2.51
CA ASN A 8 8.57 12.51 1.14
C ASN A 8 7.12 12.96 1.19
N ASP A 9 6.84 14.16 0.64
CA ASP A 9 5.46 14.60 0.56
C ASP A 9 5.02 14.85 -0.87
N VAL A 10 5.77 14.38 -1.86
CA VAL A 10 5.43 14.56 -3.26
C VAL A 10 5.04 13.19 -3.81
N ILE A 11 3.83 13.10 -4.34
CA ILE A 11 3.25 11.83 -4.77
C ILE A 11 3.35 11.78 -6.29
N PHE A 12 4.02 10.76 -6.79
CA PHE A 12 4.21 10.56 -8.22
C PHE A 12 3.16 9.56 -8.66
N VAL A 13 2.36 9.93 -9.65
CA VAL A 13 1.30 9.05 -10.15
C VAL A 13 1.41 8.87 -11.65
N LEU A 14 1.09 7.67 -12.09
CA LEU A 14 0.92 7.35 -13.50
C LEU A 14 -0.55 7.45 -13.85
N LYS A 15 -0.85 7.87 -15.09
CA LYS A 15 -2.21 8.19 -15.49
C LYS A 15 -2.89 7.10 -16.31
N THR A 16 -2.23 5.97 -16.51
CA THR A 16 -2.81 4.84 -17.23
C THR A 16 -1.98 3.62 -16.87
N ILE A 17 -2.46 2.46 -17.30
CA ILE A 17 -1.70 1.22 -17.13
C ILE A 17 -0.65 1.16 -18.24
N GLY A 18 0.48 0.54 -17.93
CA GLY A 18 1.47 0.29 -18.96
C GLY A 18 2.18 1.55 -19.43
N VAL A 19 2.66 2.36 -18.50
CA VAL A 19 3.41 3.56 -18.86
C VAL A 19 4.82 3.16 -19.24
N PRO A 20 5.29 3.50 -20.43
CA PRO A 20 6.65 3.13 -20.82
C PRO A 20 7.68 3.74 -19.88
N SER A 21 8.74 2.96 -19.63
CA SER A 21 9.81 3.40 -18.73
C SER A 21 10.39 4.75 -19.13
N ALA A 22 10.59 4.98 -20.43
CA ALA A 22 11.13 6.27 -20.88
C ALA A 22 10.22 7.43 -20.52
N CYS A 23 8.89 7.19 -20.50
CA CYS A 23 7.96 8.27 -20.17
C CYS A 23 7.95 8.56 -18.68
N ARG A 24 8.16 7.56 -17.84
CA ARG A 24 8.39 7.81 -16.43
C ARG A 24 9.64 8.66 -16.24
N GLN A 25 10.71 8.33 -16.97
CA GLN A 25 11.98 9.00 -16.75
C GLN A 25 11.93 10.42 -17.24
N ASN A 26 11.30 10.67 -18.39
CA ASN A 26 11.23 12.03 -18.90
C ASN A 26 10.03 12.79 -18.38
N GLU A 27 9.18 12.16 -17.57
CA GLU A 27 8.02 12.77 -16.94
C GLU A 27 7.07 13.41 -17.94
N ASP A 28 6.77 12.65 -19.00
CA ASP A 28 5.79 13.06 -19.98
C ASP A 28 4.45 13.31 -19.29
N PRO A 29 3.90 14.53 -19.35
CA PRO A 29 2.69 14.81 -18.58
C PRO A 29 1.44 14.08 -19.08
N ARG A 30 1.46 13.53 -20.29
CA ARG A 30 0.35 12.70 -20.71
C ARG A 30 0.27 11.42 -19.89
N PHE A 31 1.38 11.00 -19.31
CA PHE A 31 1.46 9.71 -18.63
C PHE A 31 1.69 9.80 -17.13
N VAL A 32 2.37 10.85 -16.64
CA VAL A 32 2.79 10.91 -15.24
C VAL A 32 2.66 12.35 -14.75
N GLU A 33 2.55 12.50 -13.42
CA GLU A 33 2.61 13.82 -12.80
C GLU A 33 2.93 13.65 -11.33
N ALA A 34 3.65 14.64 -10.77
CA ALA A 34 3.96 14.67 -9.35
C ALA A 34 3.11 15.74 -8.66
N PHE A 35 2.51 15.37 -7.52
CA PHE A 35 1.58 16.24 -6.81
C PHE A 35 1.88 16.26 -5.31
N LYS A 36 1.68 17.42 -4.68
CA LYS A 36 1.40 17.39 -3.25
C LYS A 36 -0.02 16.86 -3.03
N CYS A 37 -0.30 16.42 -1.81
CA CYS A 37 -1.56 15.73 -1.57
C CYS A 37 -2.78 16.60 -1.89
N ASP A 38 -2.74 17.89 -1.54
CA ASP A 38 -3.89 18.73 -1.86
C ASP A 38 -4.07 18.89 -3.36
N GLU A 39 -2.97 18.91 -4.11
CA GLU A 39 -3.05 19.01 -5.57
C GLU A 39 -3.56 17.71 -6.17
N LEU A 40 -3.21 16.57 -5.57
CA LEU A 40 -3.71 15.27 -6.04
C LEU A 40 -5.21 15.18 -5.84
N GLU A 41 -5.70 15.59 -4.66
CA GLU A 41 -7.13 15.61 -4.40
C GLU A 41 -7.87 16.47 -5.42
N ARG A 42 -7.32 17.65 -5.71
CA ARG A 42 -7.96 18.54 -6.67
C ARG A 42 -7.96 17.94 -8.08
N TYR A 43 -6.87 17.27 -8.44
CA TYR A 43 -6.81 16.66 -9.76
C TYR A 43 -7.88 15.60 -9.89
N ILE A 44 -8.04 14.76 -8.86
CA ILE A 44 -9.07 13.73 -8.88
C ILE A 44 -10.46 14.36 -9.01
N GLU A 45 -10.74 15.42 -8.25
CA GLU A 45 -12.03 16.08 -8.32
C GLU A 45 -12.29 16.65 -9.72
N ASN A 46 -11.24 17.18 -10.36
CA ASN A 46 -11.39 17.84 -11.66
C ASN A 46 -11.35 16.88 -12.84
N ASN A 47 -10.98 15.62 -12.63
CA ASN A 47 -10.82 14.62 -13.67
C ASN A 47 -11.54 13.35 -13.24
N PRO A 48 -12.86 13.35 -13.26
CA PRO A 48 -13.61 12.22 -12.66
C PRO A 48 -13.49 10.91 -13.42
N GLU A 49 -12.89 10.90 -14.60
CA GLU A 49 -12.61 9.68 -15.33
C GLU A 49 -11.21 9.14 -15.07
N CYS A 50 -10.43 9.82 -14.24
CA CYS A 50 -9.03 9.47 -14.07
C CYS A 50 -8.79 8.07 -13.54
N THR A 51 -7.66 7.53 -13.98
CA THR A 51 -7.16 6.22 -13.55
C THR A 51 -5.72 6.46 -13.08
N LEU A 52 -5.49 6.56 -11.78
CA LEU A 52 -4.20 7.00 -11.24
C LEU A 52 -3.52 5.88 -10.47
N PHE A 53 -2.20 5.79 -10.61
CA PHE A 53 -1.43 4.71 -9.99
C PHE A 53 -0.20 5.30 -9.31
N GLU A 54 -0.14 5.24 -7.99
CA GLU A 54 0.99 5.76 -7.23
C GLU A 54 2.20 4.87 -7.43
N SER A 55 3.38 5.50 -7.57
CA SER A 55 4.59 4.74 -7.78
C SER A 55 5.77 5.58 -7.25
N LEU A 56 6.86 4.90 -6.91
CA LEU A 56 8.04 5.65 -6.48
C LEU A 56 8.63 6.42 -7.67
N ARG A 57 8.92 7.70 -7.46
CA ARG A 57 9.42 8.53 -8.55
C ARG A 57 10.82 8.16 -8.97
N ASP A 58 11.68 7.82 -7.99
CA ASP A 58 13.08 7.47 -8.31
C ASP A 58 13.54 6.51 -7.22
N GLU A 59 13.18 5.23 -7.37
CA GLU A 59 13.47 4.29 -6.29
C GLU A 59 14.95 4.01 -6.13
N GLU A 60 15.76 4.21 -7.17
CA GLU A 60 17.21 4.07 -6.97
C GLU A 60 17.75 5.11 -6.00
N ALA A 61 17.17 6.32 -5.99
CA ALA A 61 17.59 7.42 -5.13
C ALA A 61 16.94 7.38 -3.76
N TYR A 62 15.67 7.01 -3.69
CA TYR A 62 14.91 7.02 -2.45
C TYR A 62 13.79 6.00 -2.58
N SER A 63 13.72 5.07 -1.63
CA SER A 63 12.74 4.01 -1.73
C SER A 63 12.09 3.70 -0.40
N ILE A 64 11.99 4.67 0.50
CA ILE A 64 11.25 4.46 1.75
C ILE A 64 9.76 4.44 1.45
N VAL A 65 9.07 3.44 2.00
CA VAL A 65 7.65 3.23 1.77
C VAL A 65 7.02 2.78 3.07
N ARG A 66 5.71 2.97 3.16
CA ARG A 66 4.93 2.30 4.18
C ARG A 66 4.66 0.87 3.75
N ILE A 67 4.65 -0.05 4.70
CA ILE A 67 4.18 -1.40 4.40
C ILE A 67 2.75 -1.34 3.89
N PHE A 68 2.47 -2.04 2.77
CA PHE A 68 1.14 -2.03 2.19
C PHE A 68 0.88 -3.41 1.65
N MET A 69 -0.42 -3.77 1.55
CA MET A 69 -0.82 -5.03 0.93
C MET A 69 -2.02 -4.76 0.02
N ASP A 70 -2.05 -5.49 -1.07
CA ASP A 70 -3.14 -5.51 -2.04
C ASP A 70 -3.83 -6.85 -1.83
N VAL A 71 -5.06 -6.85 -1.32
CA VAL A 71 -5.77 -8.08 -0.97
C VAL A 71 -6.88 -8.30 -1.99
N ASP A 72 -6.83 -9.45 -2.68
CA ASP A 72 -7.65 -9.74 -3.86
C ASP A 72 -8.44 -11.01 -3.63
N LEU A 73 -9.47 -10.95 -2.81
CA LEU A 73 -10.30 -12.15 -2.60
C LEU A 73 -11.47 -12.13 -3.58
N ASP A 74 -11.48 -13.08 -4.50
CA ASP A 74 -12.52 -13.15 -5.52
C ASP A 74 -13.72 -13.94 -5.02
N ALA A 75 -14.33 -13.43 -3.96
CA ALA A 75 -15.49 -14.05 -3.34
C ALA A 75 -16.12 -13.03 -2.42
N CYS A 76 -17.42 -13.22 -2.17
CA CYS A 76 -18.18 -12.42 -1.22
CA CYS A 76 -18.15 -12.42 -1.21
C CYS A 76 -17.99 -13.01 0.18
N LEU A 77 -17.96 -12.16 1.20
CA LEU A 77 -17.98 -12.63 2.58
C LEU A 77 -19.16 -12.02 3.30
N ASP A 78 -19.81 -12.82 4.15
CA ASP A 78 -20.81 -12.29 5.07
C ASP A 78 -20.14 -11.22 5.94
N GLU A 79 -20.92 -10.22 6.35
CA GLU A 79 -20.33 -9.06 7.01
C GLU A 79 -19.58 -9.46 8.29
N ILE A 80 -20.15 -10.36 9.08
CA ILE A 80 -19.48 -10.77 10.31
C ILE A 80 -18.18 -11.50 9.99
N ASP A 81 -18.19 -12.32 8.93
CA ASP A 81 -16.98 -13.05 8.54
C ASP A 81 -15.91 -12.09 8.09
N TYR A 82 -16.28 -11.03 7.37
CA TYR A 82 -15.31 -10.05 6.93
C TYR A 82 -14.68 -9.34 8.13
N LEU A 83 -15.52 -8.93 9.10
CA LEU A 83 -15.00 -8.17 10.23
C LEU A 83 -14.05 -9.03 11.07
N THR A 84 -14.42 -10.30 11.30
CA THR A 84 -13.56 -11.21 12.03
C THR A 84 -12.27 -11.48 11.27
N ALA A 85 -12.37 -11.63 9.95
CA ALA A 85 -11.20 -11.93 9.16
C ALA A 85 -10.23 -10.75 9.13
N ILE A 86 -10.75 -9.52 9.08
CA ILE A 86 -9.86 -8.35 9.08
C ILE A 86 -9.06 -8.31 10.37
N GLN A 87 -9.75 -8.51 11.50
CA GLN A 87 -9.04 -8.51 12.78
C GLN A 87 -7.97 -9.58 12.83
N ASP A 88 -8.30 -10.80 12.37
CA ASP A 88 -7.33 -11.89 12.38
C ASP A 88 -6.18 -11.61 11.40
N PHE A 89 -6.49 -11.00 10.27
CA PHE A 89 -5.49 -10.64 9.27
C PHE A 89 -4.44 -9.72 9.86
N ILE A 90 -4.87 -8.69 10.60
CA ILE A 90 -3.91 -7.78 11.23
C ILE A 90 -2.96 -8.55 12.14
N ILE A 91 -3.49 -9.46 12.97
CA ILE A 91 -2.65 -10.25 13.86
C ILE A 91 -1.67 -11.11 13.05
N GLU A 92 -2.17 -11.86 12.08
CA GLU A 92 -1.33 -12.78 11.33
C GLU A 92 -0.25 -12.05 10.53
N VAL A 93 -0.61 -10.96 9.87
CA VAL A 93 0.35 -10.26 9.02
C VAL A 93 1.36 -9.51 9.88
N SER A 94 0.93 -8.86 10.95
CA SER A 94 1.89 -8.19 11.83
C SER A 94 2.85 -9.18 12.48
N ASN A 95 2.37 -10.35 12.90
CA ASN A 95 3.28 -11.36 13.45
C ASN A 95 4.31 -11.75 12.42
N CYS A 96 3.90 -11.86 11.14
CA CYS A 96 4.81 -12.41 10.15
C CYS A 96 5.83 -11.34 9.76
N VAL A 97 5.38 -10.09 9.55
CA VAL A 97 6.31 -9.00 9.26
C VAL A 97 7.26 -8.77 10.43
N ALA A 98 6.74 -8.77 11.66
CA ALA A 98 7.62 -8.54 12.82
C ALA A 98 8.70 -9.59 12.94
N ARG A 99 8.36 -10.87 12.71
CA ARG A 99 9.36 -11.92 12.75
C ARG A 99 10.44 -11.70 11.70
N PHE A 100 10.03 -11.38 10.46
CA PHE A 100 10.98 -11.10 9.39
C PHE A 100 11.85 -9.91 9.74
N ALA A 101 11.23 -8.83 10.22
CA ALA A 101 12.01 -7.64 10.59
C ALA A 101 13.02 -7.96 11.67
N PHE A 102 12.61 -8.73 12.67
CA PHE A 102 13.50 -9.09 13.75
C PHE A 102 14.70 -9.89 13.25
N THR A 103 14.46 -10.86 12.35
CA THR A 103 15.58 -11.76 12.02
C THR A 103 16.39 -11.23 10.84
N GLU A 104 15.77 -10.50 9.91
CA GLU A 104 16.45 -10.08 8.70
C GLU A 104 16.83 -8.60 8.70
N CYS A 105 16.28 -7.82 9.62
CA CYS A 105 16.44 -6.37 9.51
C CYS A 105 17.00 -5.78 10.81
N GLY A 106 17.35 -6.62 11.78
CA GLY A 106 17.84 -6.10 13.06
C GLY A 106 16.81 -5.28 13.80
N ALA A 107 15.53 -5.53 13.57
CA ALA A 107 14.47 -4.66 14.07
C ALA A 107 14.08 -4.99 15.51
N ILE A 108 13.46 -4.02 16.16
CA ILE A 108 12.83 -4.20 17.46
C ILE A 108 11.44 -4.79 17.22
N HIS A 109 11.29 -6.08 17.53
CA HIS A 109 10.08 -6.83 17.19
C HIS A 109 8.83 -6.13 17.73
N GLU A 110 8.89 -5.68 18.98
CA GLU A 110 7.71 -5.12 19.62
C GLU A 110 7.29 -3.80 18.97
N ASN A 111 8.25 -3.08 18.38
CA ASN A 111 7.91 -1.83 17.73
C ASN A 111 7.25 -2.08 16.39
N VAL A 112 7.62 -3.16 15.69
CA VAL A 112 6.88 -3.51 14.47
C VAL A 112 5.45 -3.89 14.81
N ILE A 113 5.26 -4.74 15.82
CA ILE A 113 3.92 -5.14 16.25
C ILE A 113 3.09 -3.93 16.62
N LYS A 114 3.63 -3.06 17.48
CA LYS A 114 2.86 -1.92 17.97
C LYS A 114 2.54 -0.95 16.85
N SER A 115 3.52 -0.62 16.01
CA SER A 115 3.26 0.38 14.98
C SER A 115 2.25 -0.13 13.96
N MET A 116 2.31 -1.41 13.60
CA MET A 116 1.44 -1.91 12.55
C MET A 116 0.02 -2.01 13.09
N ARG A 117 -0.15 -2.50 14.32
CA ARG A 117 -1.49 -2.74 14.85
C ARG A 117 -2.21 -1.46 15.25
N SER A 118 -1.46 -0.39 15.51
CA SER A 118 -2.04 0.83 16.07
C SER A 118 -2.55 1.80 15.02
N ASN A 119 -2.16 1.63 13.75
CA ASN A 119 -2.54 2.63 12.75
C ASN A 119 -2.46 2.04 11.34
N PHE A 120 -3.61 1.79 10.74
CA PHE A 120 -3.60 1.30 9.37
C PHE A 120 -4.85 1.84 8.71
N SER A 121 -4.74 2.11 7.43
CA SER A 121 -5.92 2.47 6.65
C SER A 121 -6.38 1.29 5.79
N LEU A 122 -7.69 1.23 5.54
CA LEU A 122 -8.31 0.17 4.75
C LEU A 122 -9.20 0.83 3.72
N THR A 123 -9.00 0.50 2.45
CA THR A 123 -10.01 0.85 1.48
C THR A 123 -11.05 -0.25 1.40
N LYS A 124 -12.08 -0.02 0.61
CA LYS A 124 -13.01 -1.08 0.23
C LYS A 124 -13.37 -0.90 -1.24
N SER A 125 -13.19 -1.94 -2.04
CA SER A 125 -13.64 -1.88 -3.41
C SER A 125 -15.17 -1.90 -3.44
N THR A 126 -15.74 -1.10 -4.32
CA THR A 126 -17.19 -1.10 -4.47
C THR A 126 -17.73 -2.33 -5.22
N ASN A 127 -16.87 -3.22 -5.70
CA ASN A 127 -17.35 -4.45 -6.34
C ASN A 127 -17.83 -5.39 -5.24
N ARG A 128 -19.15 -5.53 -5.12
CA ARG A 128 -19.75 -6.32 -4.06
C ARG A 128 -19.66 -7.83 -4.30
N ASP A 129 -19.25 -8.23 -5.50
CA ASP A 129 -19.01 -9.64 -5.80
C ASP A 129 -17.65 -10.12 -5.30
N LYS A 130 -16.79 -9.24 -4.81
CA LYS A 130 -15.50 -9.68 -4.32
C LYS A 130 -15.21 -8.95 -3.02
N THR A 131 -14.11 -9.32 -2.39
CA THR A 131 -13.63 -8.71 -1.16
C THR A 131 -12.23 -8.22 -1.46
N SER A 132 -12.15 -6.97 -1.91
CA SER A 132 -10.91 -6.41 -2.39
C SER A 132 -10.61 -5.15 -1.61
N PHE A 133 -9.36 -5.01 -1.16
CA PHE A 133 -9.00 -3.81 -0.43
C PHE A 133 -7.51 -3.62 -0.52
N HIS A 134 -7.10 -2.38 -0.27
CA HIS A 134 -5.70 -2.04 -0.01
C HIS A 134 -5.55 -1.67 1.45
N ILE A 135 -4.49 -2.17 2.08
CA ILE A 135 -4.19 -1.79 3.45
C ILE A 135 -2.82 -1.10 3.49
N ILE A 136 -2.73 0.02 4.20
CA ILE A 136 -1.47 0.75 4.41
C ILE A 136 -1.20 0.80 5.89
N PHE A 137 -0.01 0.36 6.31
CA PHE A 137 0.41 0.52 7.71
C PHE A 137 1.11 1.87 7.78
N LEU A 138 0.36 2.88 8.26
CA LEU A 138 0.74 4.27 8.10
CA LEU A 138 0.75 4.28 8.09
C LEU A 138 2.02 4.62 8.85
N ASP A 139 2.32 3.89 9.93
CA ASP A 139 3.43 4.27 10.81
C ASP A 139 4.55 3.25 10.76
N THR A 140 4.52 2.30 9.84
CA THR A 140 5.53 1.25 9.72
C THR A 140 6.20 1.39 8.37
N TYR A 141 7.45 1.80 8.37
CA TYR A 141 8.18 2.13 7.15
C TYR A 141 9.33 1.18 6.92
N THR A 142 9.60 0.93 5.65
CA THR A 142 10.74 0.13 5.23
C THR A 142 11.23 0.64 3.88
N THR A 143 12.06 -0.13 3.21
CA THR A 143 12.45 0.16 1.84
C THR A 143 11.79 -0.84 0.91
N MET A 144 11.61 -0.43 -0.35
CA MET A 144 11.01 -1.33 -1.32
C MET A 144 11.82 -2.63 -1.44
N ASP A 145 13.16 -2.55 -1.39
CA ASP A 145 13.98 -3.77 -1.46
C ASP A 145 13.70 -4.70 -0.28
N THR A 146 13.38 -4.16 0.89
CA THR A 146 12.98 -5.01 2.00
C THR A 146 11.68 -5.73 1.72
N LEU A 147 10.69 -5.02 1.16
CA LEU A 147 9.45 -5.69 0.75
C LEU A 147 9.69 -6.76 -0.31
N ILE A 148 10.58 -6.49 -1.27
CA ILE A 148 10.89 -7.52 -2.25
C ILE A 148 11.50 -8.74 -1.58
N ALA A 149 12.36 -8.52 -0.60
CA ALA A 149 12.97 -9.63 0.11
C ALA A 149 11.96 -10.38 0.96
N MET A 150 10.85 -9.75 1.32
CA MET A 150 9.78 -10.37 2.09
C MET A 150 8.75 -11.07 1.23
N LYS A 151 8.83 -10.93 -0.11
CA LYS A 151 7.80 -11.44 -1.00
C LYS A 151 7.54 -12.92 -0.78
N ARG A 152 8.60 -13.73 -0.71
CA ARG A 152 8.37 -15.15 -0.58
C ARG A 152 7.84 -15.52 0.79
N THR A 153 8.27 -14.81 1.84
CA THR A 153 7.73 -15.03 3.18
C THR A 153 6.22 -14.75 3.19
N LEU A 154 5.79 -13.66 2.54
CA LEU A 154 4.37 -13.34 2.48
C LEU A 154 3.62 -14.35 1.62
N LEU A 155 4.22 -14.82 0.53
CA LEU A 155 3.60 -15.85 -0.29
C LEU A 155 3.35 -17.10 0.54
N GLU A 156 4.36 -17.51 1.31
CA GLU A 156 4.20 -18.69 2.16
C GLU A 156 3.13 -18.47 3.22
N LEU A 157 3.06 -17.27 3.81
CA LEU A 157 1.99 -16.97 4.75
C LEU A 157 0.63 -17.15 4.09
N SER A 158 0.48 -16.64 2.86
CA SER A 158 -0.80 -16.75 2.16
C SER A 158 -1.17 -18.20 1.89
N ARG A 159 -0.17 -19.08 1.76
CA ARG A 159 -0.44 -20.46 1.43
C ARG A 159 -0.71 -21.30 2.67
N SER A 160 -0.26 -20.85 3.84
CA SER A 160 -0.42 -21.60 5.08
C SER A 160 -1.64 -21.16 5.87
N SER A 161 -2.18 -19.98 5.57
CA SER A 161 -3.23 -19.41 6.38
C SER A 161 -4.59 -20.01 6.04
N GLU A 162 -5.45 -20.10 7.04
CA GLU A 162 -6.85 -20.41 6.80
C GLU A 162 -7.71 -19.18 6.64
N ASN A 163 -7.15 -18.00 6.86
CA ASN A 163 -7.91 -16.76 6.77
C ASN A 163 -8.09 -16.42 5.30
N PRO A 164 -9.32 -16.23 4.82
CA PRO A 164 -9.50 -16.00 3.38
C PRO A 164 -8.87 -14.71 2.88
N LEU A 165 -8.69 -13.72 3.77
CA LEU A 165 -8.03 -12.49 3.38
C LEU A 165 -6.51 -12.68 3.30
N THR A 166 -5.92 -13.34 4.30
CA THR A 166 -4.49 -13.59 4.24
C THR A 166 -4.14 -14.43 3.01
N ARG A 167 -5.00 -15.39 2.67
CA ARG A 167 -4.76 -16.24 1.51
C ARG A 167 -4.77 -15.44 0.23
N SER A 168 -5.35 -14.24 0.25
CA SER A 168 -5.55 -13.44 -0.94
C SER A 168 -4.57 -12.30 -1.09
N ILE A 169 -3.52 -12.23 -0.25
CA ILE A 169 -2.48 -11.22 -0.42
C ILE A 169 -1.84 -11.40 -1.79
N ASP A 170 -1.76 -10.32 -2.55
CA ASP A 170 -1.17 -10.39 -3.89
C ASP A 170 0.29 -9.99 -3.72
N THR A 171 1.17 -10.99 -3.68
CA THR A 171 2.58 -10.66 -3.49
C THR A 171 3.26 -10.17 -4.75
N ALA A 172 2.59 -10.19 -5.90
CA ALA A 172 3.24 -9.71 -7.12
C ALA A 172 3.50 -8.21 -7.07
N VAL A 173 2.86 -7.49 -6.15
CA VAL A 173 3.05 -6.05 -6.08
C VAL A 173 4.40 -5.68 -5.51
N TYR A 174 5.17 -6.62 -4.95
CA TYR A 174 6.47 -6.25 -4.36
C TYR A 174 7.52 -6.46 -5.44
N ARG A 175 7.80 -5.39 -6.17
CA ARG A 175 8.66 -5.44 -7.34
C ARG A 175 9.12 -4.04 -7.64
N ARG A 176 10.15 -3.93 -8.48
CA ARG A 176 10.57 -2.60 -8.90
C ARG A 176 9.50 -1.95 -9.77
N LYS A 177 9.43 -0.62 -9.68
CA LYS A 177 8.50 0.19 -10.47
C LYS A 177 7.04 -0.18 -10.17
N THR A 178 6.76 -0.65 -8.96
CA THR A 178 5.43 -1.12 -8.66
C THR A 178 4.45 0.05 -8.49
N THR A 179 3.17 -0.26 -8.66
CA THR A 179 2.12 0.75 -8.59
C THR A 179 1.03 0.30 -7.63
N LEU A 180 0.32 1.29 -7.05
CA LEU A 180 -0.89 1.03 -6.29
C LEU A 180 -1.93 2.04 -6.75
N ARG A 181 -3.06 1.55 -7.22
CA ARG A 181 -4.08 2.44 -7.72
C ARG A 181 -4.54 3.40 -6.62
N VAL A 182 -4.65 4.69 -6.97
CA VAL A 182 -5.02 5.71 -5.99
C VAL A 182 -6.49 5.58 -5.61
N VAL A 183 -6.75 5.59 -4.30
CA VAL A 183 -8.11 5.49 -3.79
C VAL A 183 -9.01 6.51 -4.46
N GLY A 184 -10.21 6.07 -4.84
CA GLY A 184 -11.20 6.91 -5.48
C GLY A 184 -11.11 6.95 -6.99
N THR A 185 -10.06 6.36 -7.59
CA THR A 185 -9.88 6.42 -9.02
C THR A 185 -10.13 5.06 -9.67
N ARG A 186 -10.40 5.08 -10.96
CA ARG A 186 -10.74 3.85 -11.69
C ARG A 186 -9.49 3.12 -12.19
N LYS A 187 -9.66 1.83 -12.55
CA LYS A 187 -8.53 1.06 -13.06
C LYS A 187 -8.32 1.26 -14.55
N ASN A 188 -9.40 1.39 -15.30
CA ASN A 188 -9.30 1.57 -16.75
C ASN A 188 -10.61 2.20 -17.20
N PRO A 189 -10.69 2.67 -18.45
CA PRO A 189 -11.94 3.31 -18.90
C PRO A 189 -13.11 2.36 -19.09
N ASN A 190 -12.92 1.06 -18.89
CA ASN A 190 -13.98 0.09 -19.13
C ASN A 190 -14.61 -0.43 -17.85
N CYS A 191 -14.11 -0.03 -16.68
CA CYS A 191 -14.57 -0.53 -15.41
C CYS A 191 -14.80 0.66 -14.49
N ASP A 192 -16.00 0.75 -13.91
CA ASP A 192 -16.38 1.91 -13.13
C ASP A 192 -16.14 1.74 -11.63
N THR A 193 -15.72 0.55 -11.19
CA THR A 193 -15.55 0.32 -9.76
C THR A 193 -14.31 1.03 -9.22
N ILE A 194 -14.46 1.55 -8.01
CA ILE A 194 -13.38 2.24 -7.31
C ILE A 194 -13.24 1.65 -5.93
N HIS A 195 -12.11 1.99 -5.29
CA HIS A 195 -11.97 1.82 -3.85
C HIS A 195 -12.38 3.10 -3.16
N VAL A 196 -13.12 2.96 -2.06
CA VAL A 196 -13.48 4.09 -1.21
C VAL A 196 -12.65 4.07 0.06
N MET A 197 -12.49 5.24 0.65
CA MET A 197 -11.91 5.34 1.98
C MET A 197 -12.87 4.78 3.04
N GLN A 198 -12.31 4.47 4.19
CA GLN A 198 -13.08 3.96 5.31
C GLN A 198 -12.68 4.69 6.58
N PRO A 199 -13.61 4.94 7.48
CA PRO A 199 -13.24 5.54 8.77
C PRO A 199 -12.25 4.65 9.50
N PRO A 200 -11.34 5.24 10.30
CA PRO A 200 -11.27 6.65 10.68
C PRO A 200 -10.34 7.51 9.84
N HIS A 201 -10.02 7.08 8.62
CA HIS A 201 -9.04 7.77 7.79
C HIS A 201 -9.74 8.46 6.62
N ASP A 202 -9.73 9.80 6.63
CA ASP A 202 -10.43 10.61 5.66
C ASP A 202 -9.50 11.37 4.73
N ASN A 203 -8.20 11.41 5.01
CA ASN A 203 -7.26 12.22 4.24
C ASN A 203 -6.53 11.33 3.26
N ILE A 204 -6.34 11.83 2.03
CA ILE A 204 -5.74 11.01 1.00
C ILE A 204 -4.34 10.55 1.39
N GLU A 205 -3.60 11.34 2.17
CA GLU A 205 -2.24 10.94 2.51
C GLU A 205 -2.23 9.63 3.30
N ASP A 206 -3.33 9.33 4.01
CA ASP A 206 -3.41 8.09 4.80
C ASP A 206 -3.58 6.86 3.92
N TYR A 207 -3.73 7.05 2.61
CA TYR A 207 -3.99 5.96 1.68
C TYR A 207 -2.85 5.77 0.68
N LEU A 208 -1.74 6.47 0.88
CA LEU A 208 -0.63 6.48 -0.07
C LEU A 208 0.60 5.77 0.52
N PHE A 209 1.15 4.81 -0.21
CA PHE A 209 2.28 4.04 0.33
C PHE A 209 3.61 4.79 0.22
N THR A 210 3.71 5.83 -0.61
CA THR A 210 4.96 6.56 -0.78
C THR A 210 5.00 7.84 0.01
N TYR A 211 3.93 8.19 0.70
CA TYR A 211 3.92 9.38 1.55
C TYR A 211 4.65 9.06 2.86
N VAL A 212 5.71 9.80 3.16
CA VAL A 212 6.56 9.49 4.31
C VAL A 212 6.68 10.75 5.16
N ASP A 213 6.07 10.73 6.35
CA ASP A 213 6.16 11.84 7.31
C ASP A 213 6.25 11.19 8.69
N MET A 214 7.48 10.93 9.13
CA MET A 214 7.71 10.16 10.34
C MET A 214 7.63 11.06 11.56
N ASN A 215 7.18 10.46 12.66
CA ASN A 215 7.27 11.07 13.97
C ASN A 215 7.78 10.03 14.97
N ASN A 216 7.65 10.28 16.26
CA ASN A 216 8.18 9.33 17.23
C ASN A 216 7.36 8.04 17.33
N ASN A 217 6.13 8.02 16.83
CA ASN A 217 5.41 6.75 16.74
C ASN A 217 5.80 5.94 15.53
N SER A 218 6.44 6.56 14.56
CA SER A 218 6.82 5.82 13.38
C SER A 218 7.89 4.82 13.76
N TYR A 219 7.91 3.70 13.05
CA TYR A 219 9.01 2.77 13.17
C TYR A 219 9.49 2.42 11.78
N TYR A 220 10.81 2.52 11.57
CA TYR A 220 11.45 2.19 10.32
C TYR A 220 12.40 1.01 10.52
N PHE A 221 12.39 0.08 9.57
CA PHE A 221 13.41 -0.98 9.50
C PHE A 221 13.71 -1.30 8.05
N SER A 222 14.89 -1.85 7.81
CA SER A 222 15.27 -2.27 6.46
C SER A 222 16.30 -3.38 6.56
N LEU A 223 16.49 -4.08 5.43
CA LEU A 223 17.35 -5.25 5.41
C LEU A 223 18.72 -4.94 5.99
N GLN A 224 19.20 -5.82 6.87
CA GLN A 224 20.52 -5.73 7.47
C GLN A 224 21.05 -7.14 7.67
O11 PPV B . -5.83 -3.95 -8.88
P1 PPV B . -6.43 -3.13 -7.79
O21 PPV B . -6.24 -1.65 -7.97
O31 PPV B . -6.06 -3.63 -6.42
OPP PPV B . -8.01 -3.34 -7.89
P2 PPV B . -8.94 -4.58 -7.53
O12 PPV B . -9.47 -5.08 -8.83
O22 PPV B . -8.08 -5.61 -6.84
O32 PPV B . -10.01 -4.04 -6.61
MG MG C . -3.62 -7.49 -7.20
MG MG D . -6.35 -5.58 -5.69
#